data_8S6C
#
_entry.id   8S6C
#
_cell.length_a   52.667
_cell.length_b   72.541
_cell.length_c   56.203
_cell.angle_alpha   90.00
_cell.angle_beta   95.85
_cell.angle_gamma   90.00
#
_symmetry.space_group_name_H-M   'P 1 21 1'
#
loop_
_entity.id
_entity.type
_entity.pdbx_description
1 polymer Lactoperoxidase
2 non-polymer 'PROTOPORPHYRIN IX CONTAINING FE'
3 non-polymer GLYCEROL
4 non-polymer 'CALCIUM ION'
5 non-polymer 'MAGNESIUM ION'
6 water water
#
_entity_poly.entity_id   1
_entity_poly.type   'polypeptide(L)'
_entity_poly.pdbx_seq_one_letter_code
;AQNRTIDGTDNNLSHNVWGSTNQHLDRAGPAAYADGMSMPAGGSRPSARAVSNGIAAQTGSMLNDRMLSDWVWQWGQFLD
HDLDLTDAASPAESFPIPVPMGDPFFDPFNTGTQTIGLSRSAYDPATGSVDARQQMNQITSWIDASNVYGSDMTRANALR
TMSGGRLATSAGDLLPFNTGGLPNAGGTSPSLFLAGDVRSNEQSGLAAVHTLFVREHNRLADQIAAANPGMGDEDIYQQA
RKIVGAQMQIITYNEFLPALLGSAAPSPMSIGYDDSINPNIMNEFANACYRVGHTMLSPTILRLDNAGNVIPHGNLALQD
AFFNPNRIINEGGIAPILKGLASQAMQEIDNKIVDDVRNFLFGPPGSGGLDLASLNIQRGRDHGLPDYNSTRVMMGLTSV
SSFADISSDPAVQAALMSLYGTVNDIDLWVGALAEDHLAGSSVGELIAAVLGEQFTRLRDGDRYWYERDDFFVNNPSLLA
ELQATRLSDIIRRNSDITNIQDNVFLIPEPATLGLLMFGAAFLRKRRS
;
_entity_poly.pdbx_strand_id   A
#
loop_
_chem_comp.id
_chem_comp.type
_chem_comp.name
_chem_comp.formula
CA non-polymer 'CALCIUM ION' 'Ca 2'
GOL non-polymer GLYCEROL 'C3 H8 O3'
HEM non-polymer 'PROTOPORPHYRIN IX CONTAINING FE' 'C34 H32 Fe N4 O4'
MG non-polymer 'MAGNESIUM ION' 'Mg 2'
#
# COMPACT_ATOMS: atom_id res chain seq x y z
N ALA A 1 26.74 -15.24 0.55
CA ALA A 1 25.83 -15.68 1.63
C ALA A 1 24.57 -16.28 1.02
N GLN A 2 23.72 -16.90 1.84
CA GLN A 2 22.41 -17.33 1.38
C GLN A 2 21.60 -16.11 0.97
N ASN A 3 20.92 -16.24 -0.16
CA ASN A 3 20.03 -15.19 -0.65
C ASN A 3 18.60 -15.71 -0.68
N ARG A 4 17.67 -14.77 -0.54
CA ARG A 4 16.27 -15.10 -0.69
C ARG A 4 16.00 -15.63 -2.12
N THR A 5 15.07 -16.55 -2.21
CA THR A 5 14.48 -16.89 -3.49
C THR A 5 13.74 -15.65 -4.01
N ILE A 6 13.46 -15.58 -5.31
CA ILE A 6 12.64 -14.51 -5.82
C ILE A 6 11.17 -14.79 -5.45
N ASP A 7 10.79 -16.08 -5.33
CA ASP A 7 9.38 -16.41 -5.16
C ASP A 7 8.98 -16.56 -3.70
N GLY A 8 9.92 -16.41 -2.77
CA GLY A 8 9.61 -16.43 -1.36
C GLY A 8 9.58 -17.83 -0.76
N THR A 9 9.88 -18.85 -1.59
CA THR A 9 10.02 -20.20 -1.09
C THR A 9 11.34 -20.32 -0.36
N ASP A 10 11.38 -21.40 0.43
CA ASP A 10 12.61 -21.85 1.05
C ASP A 10 13.08 -20.82 2.07
N ASN A 11 12.14 -19.97 2.53
CA ASN A 11 12.42 -19.06 3.64
C ASN A 11 12.19 -19.80 4.94
N ASN A 12 10.95 -20.24 5.15
CA ASN A 12 10.65 -21.20 6.21
C ASN A 12 11.18 -22.56 5.77
N LEU A 13 12.05 -23.19 6.56
CA LEU A 13 12.68 -24.41 6.07
C LEU A 13 11.84 -25.68 6.31
N SER A 14 10.56 -25.57 6.72
CA SER A 14 9.71 -26.75 6.92
C SER A 14 8.47 -26.67 6.02
N HIS A 15 7.71 -25.57 6.19
CA HIS A 15 6.71 -25.20 5.22
C HIS A 15 7.43 -24.27 4.27
N ASN A 16 8.04 -24.82 3.21
CA ASN A 16 8.83 -24.02 2.29
C ASN A 16 7.94 -23.20 1.37
N VAL A 17 6.67 -23.57 1.25
CA VAL A 17 5.83 -22.77 0.40
C VAL A 17 5.44 -21.52 1.19
N TRP A 18 5.65 -21.51 2.52
CA TRP A 18 5.06 -20.42 3.33
C TRP A 18 5.67 -19.07 2.94
N GLY A 19 4.80 -18.09 2.72
CA GLY A 19 5.23 -16.73 2.40
C GLY A 19 5.44 -16.51 0.89
N SER A 20 5.31 -17.58 0.10
CA SER A 20 5.70 -17.59 -1.30
C SER A 20 4.53 -17.19 -2.19
N THR A 21 4.82 -16.98 -3.47
CA THR A 21 3.77 -16.60 -4.41
C THR A 21 2.72 -17.71 -4.49
N ASN A 22 1.46 -17.29 -4.63
CA ASN A 22 0.32 -18.14 -4.89
C ASN A 22 -0.16 -18.89 -3.64
N GLN A 23 0.39 -18.58 -2.46
CA GLN A 23 -0.12 -19.11 -1.21
C GLN A 23 -1.51 -18.53 -0.92
N HIS A 24 -2.30 -19.24 -0.13
CA HIS A 24 -3.55 -18.71 0.40
C HIS A 24 -3.25 -17.48 1.26
N LEU A 25 -4.12 -16.48 1.22
CA LEU A 25 -4.14 -15.50 2.29
C LEU A 25 -4.57 -16.23 3.56
N ASP A 26 -3.87 -16.01 4.68
CA ASP A 26 -4.27 -16.53 5.98
C ASP A 26 -5.58 -15.88 6.42
N ARG A 27 -6.25 -16.52 7.37
CA ARG A 27 -7.40 -15.94 8.04
C ARG A 27 -7.20 -15.95 9.55
N ALA A 28 -7.57 -14.85 10.21
CA ALA A 28 -7.52 -14.72 11.66
C ALA A 28 -8.48 -15.72 12.31
N GLY A 29 -9.55 -16.05 11.58
CA GLY A 29 -10.51 -17.05 12.02
C GLY A 29 -11.49 -17.40 10.89
N PRO A 30 -12.60 -18.13 11.17
CA PRO A 30 -13.48 -18.62 10.11
C PRO A 30 -13.94 -17.53 9.15
N ALA A 31 -14.00 -17.88 7.88
CA ALA A 31 -14.60 -17.03 6.86
C ALA A 31 -16.09 -16.91 7.14
N ALA A 32 -16.75 -15.92 6.52
CA ALA A 32 -18.15 -15.64 6.77
C ALA A 32 -18.95 -15.68 5.47
N TYR A 33 -18.58 -16.54 4.51
CA TYR A 33 -19.44 -16.80 3.36
C TYR A 33 -20.81 -17.27 3.85
N ALA A 34 -21.90 -16.79 3.21
CA ALA A 34 -23.27 -17.07 3.63
C ALA A 34 -23.54 -18.56 3.75
N ASP A 35 -22.89 -19.35 2.88
CA ASP A 35 -23.13 -20.78 2.78
C ASP A 35 -21.91 -21.58 3.17
N GLY A 36 -20.85 -20.92 3.65
CA GLY A 36 -19.66 -21.60 4.11
C GLY A 36 -18.76 -22.02 2.94
N MET A 37 -19.08 -21.58 1.72
CA MET A 37 -18.38 -22.04 0.54
C MET A 37 -17.88 -20.80 -0.22
N SER A 38 -18.70 -20.27 -1.14
CA SER A 38 -18.28 -19.14 -1.96
C SER A 38 -19.29 -18.01 -1.99
N MET A 39 -20.51 -18.19 -1.44
CA MET A 39 -21.47 -17.11 -1.52
C MET A 39 -20.99 -15.95 -0.66
N PRO A 40 -20.99 -14.71 -1.19
CA PRO A 40 -20.43 -13.58 -0.44
C PRO A 40 -20.98 -13.34 0.95
N ALA A 41 -20.10 -12.80 1.80
CA ALA A 41 -20.51 -12.32 3.10
C ALA A 41 -21.29 -11.02 2.91
N GLY A 42 -22.04 -10.65 3.95
CA GLY A 42 -22.61 -9.31 4.01
C GLY A 42 -23.85 -9.16 3.13
N GLY A 43 -24.52 -10.28 2.86
CA GLY A 43 -25.65 -10.28 1.93
C GLY A 43 -26.89 -9.58 2.52
N SER A 44 -26.86 -9.30 3.83
CA SER A 44 -27.95 -8.62 4.50
C SER A 44 -27.71 -7.11 4.57
N ARG A 45 -26.51 -6.65 4.19
CA ARG A 45 -26.15 -5.25 4.35
C ARG A 45 -26.64 -4.44 3.16
N PRO A 46 -26.66 -3.09 3.25
CA PRO A 46 -26.92 -2.27 2.08
C PRO A 46 -25.84 -2.44 1.01
N SER A 47 -26.17 -2.01 -0.22
CA SER A 47 -25.21 -1.83 -1.28
C SER A 47 -23.93 -1.18 -0.76
N ALA A 48 -22.79 -1.65 -1.25
CA ALA A 48 -21.52 -1.01 -0.95
C ALA A 48 -21.56 0.47 -1.32
N ARG A 49 -22.26 0.81 -2.40
CA ARG A 49 -22.35 2.20 -2.82
C ARG A 49 -23.30 3.00 -1.92
N ALA A 50 -24.34 2.36 -1.38
CA ALA A 50 -25.16 3.06 -0.40
C ALA A 50 -24.33 3.36 0.86
N VAL A 51 -23.47 2.42 1.26
CA VAL A 51 -22.59 2.63 2.40
C VAL A 51 -21.61 3.77 2.09
N SER A 52 -21.00 3.74 0.90
CA SER A 52 -20.10 4.82 0.47
C SER A 52 -20.77 6.19 0.60
N ASN A 53 -22.01 6.28 0.08
CA ASN A 53 -22.79 7.52 0.10
C ASN A 53 -23.08 7.95 1.54
N GLY A 54 -23.38 6.98 2.40
CA GLY A 54 -23.86 7.22 3.75
C GLY A 54 -22.77 7.53 4.78
N ILE A 55 -21.52 7.16 4.53
CA ILE A 55 -20.50 7.31 5.56
C ILE A 55 -19.12 7.72 5.02
N ALA A 56 -18.83 7.50 3.73
CA ALA A 56 -17.52 7.82 3.18
C ALA A 56 -17.52 9.14 2.41
N ALA A 57 -18.69 9.75 2.23
CA ALA A 57 -18.82 10.99 1.48
C ALA A 57 -18.14 12.15 2.21
N GLN A 58 -17.25 12.87 1.50
CA GLN A 58 -16.49 13.95 2.09
C GLN A 58 -16.70 15.23 1.29
N THR A 59 -17.15 16.30 1.96
CA THR A 59 -17.47 17.53 1.24
C THR A 59 -16.32 18.52 1.32
N GLY A 60 -15.41 18.40 2.31
CA GLY A 60 -14.32 19.35 2.42
C GLY A 60 -13.02 18.68 2.85
N SER A 61 -11.90 19.43 2.75
CA SER A 61 -10.59 18.95 3.17
C SER A 61 -10.58 18.73 4.67
N MET A 62 -9.97 17.62 5.10
CA MET A 62 -9.87 17.27 6.51
C MET A 62 -8.49 16.68 6.78
N LEU A 63 -7.57 17.55 7.21
CA LEU A 63 -6.19 17.19 7.48
C LEU A 63 -6.11 16.32 8.73
N ASN A 64 -5.17 15.36 8.67
CA ASN A 64 -4.88 14.54 9.83
C ASN A 64 -4.39 15.45 10.96
N ASP A 65 -4.52 14.95 12.17
CA ASP A 65 -4.18 15.75 13.35
C ASP A 65 -2.82 15.41 13.95
N ARG A 66 -2.01 14.59 13.27
CA ARG A 66 -0.73 14.19 13.82
C ARG A 66 0.44 14.62 12.93
N MET A 67 0.26 15.66 12.10
N MET A 67 0.20 15.64 12.10
CA MET A 67 1.33 16.26 11.30
CA MET A 67 1.18 16.29 11.23
C MET A 67 1.85 15.32 10.21
C MET A 67 1.88 15.24 10.35
N LEU A 68 1.10 14.27 9.87
CA LEU A 68 1.61 13.23 8.98
C LEU A 68 1.55 13.75 7.53
N SER A 69 2.64 13.50 6.78
CA SER A 69 2.72 13.87 5.37
C SER A 69 2.10 12.82 4.45
N ASP A 70 2.01 13.18 3.18
CA ASP A 70 1.55 12.27 2.14
C ASP A 70 2.49 11.07 1.98
N TRP A 71 3.72 11.14 2.46
CA TRP A 71 4.60 9.99 2.44
C TRP A 71 4.07 8.82 3.24
N VAL A 72 3.26 9.07 4.26
CA VAL A 72 2.68 7.98 5.02
C VAL A 72 1.86 7.08 4.08
N TRP A 73 0.92 7.65 3.34
CA TRP A 73 0.15 6.83 2.41
C TRP A 73 0.93 6.37 1.20
N GLN A 74 1.91 7.17 0.70
CA GLN A 74 2.65 6.71 -0.46
C GLN A 74 3.53 5.52 -0.10
N TRP A 75 4.21 5.58 1.05
CA TRP A 75 4.95 4.42 1.51
C TRP A 75 4.01 3.25 1.79
N GLY A 76 2.87 3.54 2.43
CA GLY A 76 1.87 2.52 2.73
C GLY A 76 1.47 1.71 1.50
N GLN A 77 1.21 2.41 0.38
CA GLN A 77 0.85 1.75 -0.86
C GLN A 77 2.02 0.94 -1.42
N PHE A 78 3.22 1.54 -1.40
CA PHE A 78 4.40 0.90 -1.97
C PHE A 78 4.67 -0.41 -1.24
N LEU A 79 4.58 -0.32 0.09
CA LEU A 79 4.79 -1.47 0.96
C LEU A 79 3.67 -2.50 0.76
N ASP A 80 2.43 -2.04 0.56
CA ASP A 80 1.34 -2.93 0.20
C ASP A 80 1.71 -3.78 -1.01
N HIS A 81 2.38 -3.15 -1.98
CA HIS A 81 2.73 -3.79 -3.23
C HIS A 81 3.96 -4.69 -3.09
N ASP A 82 4.52 -4.76 -1.86
CA ASP A 82 5.49 -5.77 -1.45
C ASP A 82 4.77 -6.91 -0.72
N LEU A 83 3.60 -6.64 -0.14
CA LEU A 83 2.99 -7.60 0.75
C LEU A 83 2.01 -8.52 0.03
N ASP A 84 1.03 -7.96 -0.70
CA ASP A 84 -0.06 -8.75 -1.22
C ASP A 84 -0.58 -8.21 -2.56
N LEU A 85 -1.04 -9.15 -3.38
CA LEU A 85 -1.75 -8.90 -4.63
C LEU A 85 -2.75 -10.04 -4.85
N THR A 86 -4.00 -9.67 -5.17
CA THR A 86 -4.97 -10.65 -5.61
C THR A 86 -5.77 -10.02 -6.74
N ASP A 87 -5.55 -10.53 -7.95
CA ASP A 87 -6.25 -10.06 -9.12
C ASP A 87 -7.58 -10.81 -9.21
N ALA A 88 -8.24 -10.67 -10.35
CA ALA A 88 -9.51 -11.31 -10.65
C ALA A 88 -9.35 -12.79 -10.97
N ALA A 89 -10.25 -13.60 -10.42
CA ALA A 89 -10.43 -14.95 -10.90
C ALA A 89 -10.73 -14.95 -12.39
N SER A 90 -10.24 -15.99 -13.09
CA SER A 90 -10.56 -16.21 -14.49
C SER A 90 -11.00 -17.66 -14.64
N PRO A 91 -12.15 -18.00 -15.25
CA PRO A 91 -13.07 -17.05 -15.87
C PRO A 91 -13.64 -16.02 -14.89
N ALA A 92 -14.00 -14.85 -15.40
CA ALA A 92 -14.45 -13.76 -14.56
C ALA A 92 -15.73 -14.18 -13.82
N GLU A 93 -15.80 -13.85 -12.52
CA GLU A 93 -17.02 -14.03 -11.77
C GLU A 93 -17.51 -12.64 -11.37
N SER A 94 -18.60 -12.22 -11.99
CA SER A 94 -19.10 -10.87 -11.81
C SER A 94 -19.89 -10.75 -10.49
N PHE A 95 -19.66 -9.66 -9.74
CA PHE A 95 -20.29 -9.43 -8.44
C PHE A 95 -20.51 -7.93 -8.31
N PRO A 96 -21.40 -7.37 -9.14
CA PRO A 96 -21.48 -5.91 -9.30
C PRO A 96 -22.13 -5.29 -8.07
N ILE A 97 -21.85 -4.00 -7.89
CA ILE A 97 -22.37 -3.20 -6.80
C ILE A 97 -23.56 -2.40 -7.30
N PRO A 98 -24.78 -2.63 -6.76
CA PRO A 98 -25.94 -1.85 -7.16
C PRO A 98 -25.73 -0.39 -6.79
N VAL A 99 -26.06 0.49 -7.75
CA VAL A 99 -26.06 1.92 -7.52
C VAL A 99 -27.45 2.34 -7.04
N PRO A 100 -27.57 3.05 -5.90
CA PRO A 100 -28.86 3.61 -5.50
C PRO A 100 -29.51 4.48 -6.57
N MET A 101 -30.82 4.29 -6.74
CA MET A 101 -31.59 5.04 -7.70
C MET A 101 -31.40 6.54 -7.46
N GLY A 102 -30.99 7.23 -8.52
CA GLY A 102 -30.84 8.67 -8.44
C GLY A 102 -29.48 9.12 -7.91
N ASP A 103 -28.59 8.17 -7.57
CA ASP A 103 -27.23 8.51 -7.16
C ASP A 103 -26.70 9.59 -8.10
N PRO A 104 -26.39 10.81 -7.60
CA PRO A 104 -26.05 11.95 -8.47
C PRO A 104 -24.78 11.80 -9.31
N PHE A 105 -23.90 10.88 -8.93
CA PHE A 105 -22.68 10.63 -9.70
C PHE A 105 -22.84 9.45 -10.65
N PHE A 106 -23.42 8.34 -10.18
CA PHE A 106 -23.39 7.10 -10.93
C PHE A 106 -24.76 6.74 -11.50
N ASP A 107 -25.82 7.45 -11.11
CA ASP A 107 -27.15 7.16 -11.65
C ASP A 107 -27.95 8.44 -11.80
N PRO A 108 -27.42 9.48 -12.48
CA PRO A 108 -28.13 10.77 -12.52
C PRO A 108 -29.37 10.80 -13.42
N PHE A 109 -29.73 9.66 -14.02
CA PHE A 109 -30.91 9.56 -14.85
C PHE A 109 -31.99 8.73 -14.14
N ASN A 110 -31.77 8.41 -12.86
CA ASN A 110 -32.79 7.75 -12.05
C ASN A 110 -33.29 6.48 -12.72
N THR A 111 -32.36 5.68 -13.28
CA THR A 111 -32.72 4.42 -13.89
C THR A 111 -33.05 3.40 -12.80
N GLY A 112 -32.33 3.48 -11.67
CA GLY A 112 -32.46 2.44 -10.67
C GLY A 112 -31.76 1.14 -11.04
N THR A 113 -30.96 1.11 -12.12
CA THR A 113 -30.43 -0.16 -12.63
C THR A 113 -28.91 -0.09 -12.83
N GLN A 114 -28.28 1.02 -12.42
CA GLN A 114 -26.84 1.17 -12.58
C GLN A 114 -26.10 0.27 -11.58
N THR A 115 -24.93 -0.22 -12.02
CA THR A 115 -24.02 -0.97 -11.17
C THR A 115 -22.62 -0.40 -11.33
N ILE A 116 -21.80 -0.65 -10.32
CA ILE A 116 -20.35 -0.55 -10.41
C ILE A 116 -19.79 -1.97 -10.54
N GLY A 117 -18.97 -2.19 -11.59
CA GLY A 117 -18.37 -3.46 -11.91
C GLY A 117 -17.40 -3.93 -10.84
N LEU A 118 -17.42 -5.24 -10.58
CA LEU A 118 -16.40 -5.90 -9.77
C LEU A 118 -16.37 -7.36 -10.19
N SER A 119 -15.16 -7.87 -10.50
CA SER A 119 -14.94 -9.29 -10.68
C SER A 119 -14.33 -9.84 -9.41
N ARG A 120 -14.77 -11.03 -9.00
CA ARG A 120 -14.32 -11.68 -7.79
C ARG A 120 -12.86 -12.10 -7.91
N SER A 121 -12.20 -12.03 -6.76
CA SER A 121 -10.78 -12.29 -6.61
C SER A 121 -10.45 -13.75 -6.89
N ALA A 122 -9.24 -13.95 -7.41
CA ALA A 122 -8.65 -15.25 -7.64
C ALA A 122 -8.56 -16.01 -6.33
N TYR A 123 -8.74 -17.34 -6.42
CA TYR A 123 -8.74 -18.18 -5.23
C TYR A 123 -8.15 -19.56 -5.58
N ASP A 124 -7.77 -20.30 -4.53
CA ASP A 124 -7.34 -21.68 -4.67
C ASP A 124 -8.47 -22.52 -5.21
N PRO A 125 -8.34 -23.11 -6.43
CA PRO A 125 -9.43 -23.86 -7.06
C PRO A 125 -9.93 -25.10 -6.29
N ALA A 126 -9.10 -25.61 -5.38
CA ALA A 126 -9.48 -26.69 -4.48
C ALA A 126 -10.35 -26.20 -3.32
N THR A 127 -10.66 -24.89 -3.25
CA THR A 127 -11.47 -24.35 -2.18
C THR A 127 -12.71 -23.73 -2.79
N GLY A 128 -13.75 -23.55 -1.97
CA GLY A 128 -14.86 -22.69 -2.34
C GLY A 128 -16.08 -23.45 -2.86
N SER A 129 -15.96 -24.77 -3.08
CA SER A 129 -17.03 -25.63 -3.54
C SER A 129 -17.61 -26.45 -2.40
N VAL A 130 -16.74 -27.16 -1.67
CA VAL A 130 -17.16 -27.99 -0.55
C VAL A 130 -16.68 -27.39 0.78
N ASP A 131 -15.91 -26.30 0.72
CA ASP A 131 -15.35 -25.65 1.90
C ASP A 131 -15.14 -24.16 1.59
N ALA A 132 -14.66 -23.39 2.56
CA ALA A 132 -14.54 -21.94 2.41
C ALA A 132 -13.56 -21.60 1.28
N ARG A 133 -13.92 -20.60 0.46
CA ARG A 133 -13.05 -20.08 -0.58
C ARG A 133 -11.89 -19.31 0.04
N GLN A 134 -10.66 -19.69 -0.38
CA GLN A 134 -9.46 -19.00 0.08
C GLN A 134 -8.80 -18.26 -1.08
N GLN A 135 -8.78 -16.93 -1.00
CA GLN A 135 -8.14 -16.09 -1.99
C GLN A 135 -6.63 -16.30 -1.92
N MET A 136 -5.99 -16.08 -3.07
CA MET A 136 -4.57 -16.32 -3.23
C MET A 136 -3.81 -14.99 -3.20
N ASN A 137 -2.61 -15.04 -2.62
CA ASN A 137 -1.66 -13.95 -2.70
C ASN A 137 -0.66 -14.26 -3.81
N GLN A 138 -0.51 -13.34 -4.75
CA GLN A 138 0.21 -13.60 -5.98
C GLN A 138 1.58 -12.93 -5.98
N ILE A 139 1.98 -12.38 -4.82
CA ILE A 139 3.35 -11.90 -4.64
C ILE A 139 3.85 -12.47 -3.33
N THR A 140 5.16 -12.33 -3.07
CA THR A 140 5.76 -12.81 -1.83
C THR A 140 5.24 -11.99 -0.66
N SER A 141 4.76 -12.67 0.39
CA SER A 141 4.30 -12.03 1.61
C SER A 141 5.43 -11.27 2.32
N TRP A 142 6.66 -11.77 2.18
CA TRP A 142 7.84 -11.21 2.83
C TRP A 142 8.01 -9.75 2.43
N ILE A 143 8.55 -8.96 3.39
CA ILE A 143 9.06 -7.64 3.09
C ILE A 143 10.46 -7.82 2.53
N ASP A 144 10.52 -8.08 1.24
CA ASP A 144 11.74 -8.47 0.54
C ASP A 144 11.97 -7.66 -0.72
N ALA A 145 11.27 -6.53 -0.88
CA ALA A 145 11.43 -5.70 -2.06
C ALA A 145 11.03 -6.45 -3.33
N SER A 146 10.00 -7.33 -3.25
CA SER A 146 9.46 -7.99 -4.42
C SER A 146 8.80 -6.95 -5.32
N ASN A 147 8.49 -5.79 -4.75
CA ASN A 147 7.98 -4.67 -5.52
C ASN A 147 9.03 -4.04 -6.44
N VAL A 148 10.30 -4.26 -6.14
CA VAL A 148 11.40 -3.83 -7.00
C VAL A 148 11.88 -4.95 -7.94
N TYR A 149 11.98 -6.19 -7.42
CA TYR A 149 12.71 -7.27 -8.10
C TYR A 149 11.81 -8.24 -8.85
N GLY A 150 10.51 -8.26 -8.52
CA GLY A 150 9.59 -9.24 -9.05
C GLY A 150 9.41 -10.40 -8.07
N SER A 151 8.35 -11.19 -8.32
CA SER A 151 7.95 -12.27 -7.44
C SER A 151 8.06 -13.61 -8.18
N ASP A 152 8.64 -13.58 -9.38
CA ASP A 152 8.92 -14.79 -10.17
C ASP A 152 10.21 -14.53 -10.94
N MET A 153 10.99 -15.60 -11.20
CA MET A 153 12.32 -15.45 -11.76
C MET A 153 12.28 -14.91 -13.19
N THR A 154 11.18 -15.15 -13.90
CA THR A 154 11.06 -14.69 -15.26
C THR A 154 10.99 -13.15 -15.28
N ARG A 155 10.09 -12.58 -14.48
CA ARG A 155 9.97 -11.13 -14.40
C ARG A 155 11.25 -10.55 -13.79
N ALA A 156 11.81 -11.21 -12.76
CA ALA A 156 13.03 -10.70 -12.14
C ALA A 156 14.16 -10.58 -13.17
N ASN A 157 14.28 -11.57 -14.06
CA ASN A 157 15.31 -11.58 -15.10
C ASN A 157 15.04 -10.47 -16.13
N ALA A 158 13.78 -10.25 -16.47
CA ALA A 158 13.40 -9.22 -17.43
C ALA A 158 13.80 -7.82 -16.95
N LEU A 159 13.83 -7.62 -15.63
CA LEU A 159 14.07 -6.32 -15.02
C LEU A 159 15.56 -5.99 -14.96
N ARG A 160 16.41 -7.01 -15.16
CA ARG A 160 17.84 -6.89 -14.99
C ARG A 160 18.53 -6.59 -16.31
N THR A 161 19.71 -5.97 -16.25
CA THR A 161 20.53 -5.82 -17.44
C THR A 161 21.45 -7.03 -17.69
N MET A 162 21.68 -7.79 -16.61
CA MET A 162 22.63 -8.90 -16.52
C MET A 162 24.07 -8.40 -16.69
N SER A 163 24.33 -7.11 -16.46
CA SER A 163 25.70 -6.62 -16.39
C SER A 163 25.84 -5.69 -15.18
N GLY A 164 26.91 -5.88 -14.39
CA GLY A 164 27.27 -5.05 -13.24
C GLY A 164 26.23 -5.06 -12.12
N GLY A 165 25.42 -6.12 -12.10
CA GLY A 165 24.40 -6.37 -11.10
C GLY A 165 23.19 -5.45 -11.22
N ARG A 166 23.02 -4.81 -12.39
CA ARG A 166 22.10 -3.67 -12.48
C ARG A 166 20.69 -4.07 -12.92
N LEU A 167 19.77 -3.15 -12.66
CA LEU A 167 18.40 -3.15 -13.17
C LEU A 167 18.30 -2.19 -14.35
N ALA A 168 17.54 -2.60 -15.36
CA ALA A 168 17.29 -1.77 -16.53
C ALA A 168 16.63 -0.46 -16.15
N THR A 169 16.91 0.58 -16.95
CA THR A 169 16.29 1.90 -16.82
C THR A 169 15.90 2.37 -18.21
N SER A 170 15.20 3.49 -18.27
CA SER A 170 14.94 4.24 -19.47
C SER A 170 15.54 5.64 -19.31
N ALA A 171 15.50 6.43 -20.39
CA ALA A 171 16.03 7.79 -20.46
C ALA A 171 15.71 8.62 -19.20
N GLY A 172 16.74 9.26 -18.63
CA GLY A 172 16.63 10.08 -17.44
C GLY A 172 16.69 9.28 -16.13
N ASP A 173 17.22 8.05 -16.18
CA ASP A 173 17.28 7.14 -15.04
C ASP A 173 15.87 6.89 -14.50
N LEU A 174 14.93 6.63 -15.41
CA LEU A 174 13.55 6.29 -15.06
C LEU A 174 13.36 4.78 -15.15
N LEU A 175 12.19 4.30 -14.73
CA LEU A 175 11.89 2.89 -14.89
C LEU A 175 11.99 2.48 -16.34
N PRO A 176 12.41 1.23 -16.63
CA PRO A 176 12.40 0.73 -18.00
C PRO A 176 10.96 0.63 -18.53
N PHE A 177 10.83 0.65 -19.86
CA PHE A 177 9.54 0.45 -20.51
C PHE A 177 9.31 -1.05 -20.70
N ASN A 178 8.02 -1.44 -20.70
CA ASN A 178 7.62 -2.83 -20.79
C ASN A 178 7.64 -3.27 -22.26
N THR A 179 8.82 -3.24 -22.89
CA THR A 179 8.92 -3.56 -24.32
C THR A 179 8.66 -5.05 -24.56
N GLY A 180 8.95 -5.91 -23.58
CA GLY A 180 8.65 -7.33 -23.70
C GLY A 180 7.16 -7.64 -23.49
N GLY A 181 6.35 -6.67 -23.03
CA GLY A 181 4.91 -6.89 -22.91
C GLY A 181 4.57 -7.91 -21.83
N LEU A 182 5.34 -7.88 -20.74
CA LEU A 182 5.04 -8.66 -19.56
C LEU A 182 3.74 -8.17 -18.92
N PRO A 183 3.14 -8.95 -17.99
CA PRO A 183 1.89 -8.56 -17.33
C PRO A 183 2.08 -7.23 -16.60
N ASN A 184 1.05 -6.38 -16.63
CA ASN A 184 1.16 -5.03 -16.09
C ASN A 184 -0.26 -4.50 -15.89
N ALA A 185 -0.53 -3.89 -14.73
CA ALA A 185 -1.73 -3.09 -14.57
C ALA A 185 -1.68 -1.94 -15.56
N GLY A 186 -2.80 -1.70 -16.26
CA GLY A 186 -2.88 -0.74 -17.35
C GLY A 186 -2.71 -1.40 -18.71
N GLY A 187 -2.38 -2.70 -18.75
CA GLY A 187 -2.21 -3.42 -20.01
C GLY A 187 -0.75 -3.61 -20.40
N THR A 188 -0.51 -4.20 -21.59
CA THR A 188 0.79 -4.69 -22.01
C THR A 188 1.53 -3.65 -22.85
N SER A 189 1.02 -2.41 -22.92
CA SER A 189 1.66 -1.38 -23.71
C SER A 189 3.14 -1.24 -23.37
N PRO A 190 3.99 -1.10 -24.40
CA PRO A 190 5.40 -0.79 -24.19
C PRO A 190 5.66 0.60 -23.65
N SER A 191 4.64 1.46 -23.62
N SER A 191 4.62 1.45 -23.64
CA SER A 191 4.84 2.84 -23.17
CA SER A 191 4.78 2.82 -23.22
C SER A 191 4.58 2.96 -21.68
C SER A 191 4.73 2.91 -21.69
N LEU A 192 4.25 1.85 -21.01
CA LEU A 192 4.10 1.85 -19.56
C LEU A 192 5.40 1.37 -18.95
N PHE A 193 5.67 1.82 -17.72
CA PHE A 193 6.86 1.40 -16.99
C PHE A 193 6.73 -0.07 -16.59
N LEU A 194 7.88 -0.74 -16.48
CA LEU A 194 7.97 -2.07 -15.91
C LEU A 194 8.72 -2.03 -14.59
N ALA A 195 8.05 -2.48 -13.53
CA ALA A 195 8.65 -2.65 -12.20
C ALA A 195 8.40 -4.04 -11.63
N GLY A 196 9.02 -4.29 -10.46
CA GLY A 196 8.91 -5.57 -9.79
C GLY A 196 7.46 -5.97 -9.57
N ASP A 197 6.64 -5.02 -9.17
CA ASP A 197 5.22 -5.28 -8.97
C ASP A 197 4.43 -4.76 -10.17
N VAL A 198 3.37 -5.47 -10.56
CA VAL A 198 2.61 -5.18 -11.77
C VAL A 198 1.82 -3.86 -11.67
N ARG A 199 1.67 -3.32 -10.46
CA ARG A 199 0.80 -2.16 -10.25
C ARG A 199 1.55 -0.82 -10.30
N SER A 200 2.79 -0.78 -10.78
CA SER A 200 3.63 0.40 -10.59
C SER A 200 3.08 1.66 -11.28
N ASN A 201 2.34 1.52 -12.39
CA ASN A 201 1.84 2.66 -13.13
C ASN A 201 0.52 3.19 -12.57
N GLU A 202 -0.02 2.54 -11.53
CA GLU A 202 -1.34 2.87 -11.00
C GLU A 202 -1.47 4.38 -10.83
N GLN A 203 -0.50 4.99 -10.15
CA GLN A 203 -0.45 6.45 -10.09
C GLN A 203 0.99 6.90 -9.91
N SER A 204 1.22 8.16 -10.25
CA SER A 204 2.57 8.72 -10.46
C SER A 204 3.42 8.66 -9.20
N GLY A 205 2.82 8.86 -8.03
CA GLY A 205 3.56 8.79 -6.77
C GLY A 205 4.17 7.41 -6.53
N LEU A 206 3.37 6.38 -6.81
CA LEU A 206 3.80 4.99 -6.71
C LEU A 206 4.97 4.74 -7.68
N ALA A 207 4.77 5.11 -8.95
CA ALA A 207 5.81 5.02 -9.96
C ALA A 207 7.09 5.72 -9.52
N ALA A 208 6.95 6.91 -8.89
CA ALA A 208 8.08 7.68 -8.42
C ALA A 208 8.89 6.92 -7.37
N VAL A 209 8.21 6.29 -6.41
CA VAL A 209 8.94 5.55 -5.38
C VAL A 209 9.51 4.27 -5.95
N HIS A 210 8.83 3.63 -6.91
CA HIS A 210 9.43 2.51 -7.61
C HIS A 210 10.74 2.96 -8.29
N THR A 211 10.72 4.11 -8.95
CA THR A 211 11.88 4.60 -9.67
C THR A 211 13.04 4.83 -8.69
N LEU A 212 12.70 5.42 -7.53
CA LEU A 212 13.68 5.78 -6.52
C LEU A 212 14.49 4.55 -6.13
N PHE A 213 13.81 3.43 -5.91
CA PHE A 213 14.48 2.22 -5.46
C PHE A 213 15.24 1.53 -6.59
N VAL A 214 14.81 1.68 -7.85
CA VAL A 214 15.64 1.22 -8.95
C VAL A 214 16.92 2.05 -9.00
N ARG A 215 16.81 3.37 -8.78
CA ARG A 215 17.99 4.23 -8.71
C ARG A 215 18.91 3.76 -7.58
N GLU A 216 18.32 3.48 -6.41
CA GLU A 216 19.11 3.09 -5.25
C GLU A 216 19.81 1.76 -5.49
N HIS A 217 19.08 0.80 -6.08
CA HIS A 217 19.70 -0.47 -6.43
C HIS A 217 20.94 -0.26 -7.31
N ASN A 218 20.80 0.56 -8.35
CA ASN A 218 21.85 0.76 -9.32
C ASN A 218 23.06 1.49 -8.71
N ARG A 219 22.80 2.44 -7.79
CA ARG A 219 23.83 3.09 -7.02
C ARG A 219 24.62 2.06 -6.21
N LEU A 220 23.89 1.19 -5.52
CA LEU A 220 24.54 0.17 -4.69
C LEU A 220 25.37 -0.75 -5.58
N ALA A 221 24.78 -1.19 -6.68
CA ALA A 221 25.40 -2.13 -7.59
C ALA A 221 26.70 -1.56 -8.16
N ASP A 222 26.64 -0.31 -8.61
CA ASP A 222 27.82 0.36 -9.14
C ASP A 222 28.91 0.48 -8.08
N GLN A 223 28.54 0.81 -6.84
CA GLN A 223 29.52 1.09 -5.81
C GLN A 223 30.14 -0.22 -5.30
N ILE A 224 29.34 -1.29 -5.27
CA ILE A 224 29.82 -2.60 -4.89
C ILE A 224 30.85 -3.10 -5.91
N ALA A 225 30.48 -3.01 -7.18
CA ALA A 225 31.38 -3.36 -8.28
C ALA A 225 32.65 -2.52 -8.21
N ALA A 226 32.50 -1.22 -7.89
CA ALA A 226 33.65 -0.33 -7.89
C ALA A 226 34.61 -0.72 -6.77
N ALA A 227 34.05 -1.10 -5.63
CA ALA A 227 34.82 -1.36 -4.42
C ALA A 227 35.34 -2.80 -4.42
N ASN A 228 34.71 -3.67 -5.19
CA ASN A 228 34.98 -5.09 -5.14
C ASN A 228 35.05 -5.60 -6.56
N PRO A 229 36.11 -5.24 -7.32
CA PRO A 229 36.15 -5.59 -8.73
C PRO A 229 36.26 -7.11 -8.81
N GLY A 230 35.98 -7.63 -10.01
CA GLY A 230 36.07 -9.06 -10.24
C GLY A 230 34.84 -9.84 -9.79
N MET A 231 33.89 -9.19 -9.10
N MET A 231 33.89 -9.18 -9.11
CA MET A 231 32.64 -9.83 -8.72
CA MET A 231 32.63 -9.80 -8.76
C MET A 231 31.72 -9.85 -9.95
C MET A 231 31.76 -9.87 -10.00
N GLY A 232 31.00 -10.96 -10.14
CA GLY A 232 30.13 -11.12 -11.28
C GLY A 232 28.78 -10.44 -11.07
N ASP A 233 28.03 -10.36 -12.16
CA ASP A 233 26.73 -9.74 -12.21
C ASP A 233 25.81 -10.33 -11.14
N GLU A 234 25.78 -11.65 -11.02
CA GLU A 234 24.77 -12.29 -10.17
C GLU A 234 25.04 -11.91 -8.73
N ASP A 235 26.33 -11.93 -8.35
CA ASP A 235 26.73 -11.65 -6.98
C ASP A 235 26.42 -10.18 -6.62
N ILE A 236 26.73 -9.26 -7.54
CA ILE A 236 26.50 -7.83 -7.32
C ILE A 236 25.00 -7.62 -7.17
N TYR A 237 24.21 -8.15 -8.11
CA TYR A 237 22.75 -8.04 -8.07
C TYR A 237 22.17 -8.49 -6.73
N GLN A 238 22.55 -9.70 -6.26
CA GLN A 238 22.02 -10.24 -5.02
C GLN A 238 22.45 -9.39 -3.81
N GLN A 239 23.66 -8.85 -3.82
CA GLN A 239 24.08 -7.99 -2.72
C GLN A 239 23.28 -6.69 -2.70
N ALA A 240 23.10 -6.05 -3.86
CA ALA A 240 22.29 -4.83 -3.90
C ALA A 240 20.86 -5.15 -3.54
N ARG A 241 20.33 -6.27 -4.04
CA ARG A 241 18.96 -6.68 -3.73
C ARG A 241 18.77 -6.87 -2.21
N LYS A 242 19.74 -7.49 -1.55
CA LYS A 242 19.64 -7.78 -0.12
C LYS A 242 19.67 -6.49 0.69
N ILE A 243 20.46 -5.49 0.26
CA ILE A 243 20.52 -4.19 0.92
C ILE A 243 19.18 -3.45 0.76
N VAL A 244 18.65 -3.40 -0.46
CA VAL A 244 17.35 -2.78 -0.72
C VAL A 244 16.24 -3.48 0.06
N GLY A 245 16.25 -4.83 0.16
CA GLY A 245 15.25 -5.51 0.95
C GLY A 245 15.30 -5.14 2.45
N ALA A 246 16.51 -4.99 2.97
CA ALA A 246 16.75 -4.52 4.32
C ALA A 246 16.24 -3.08 4.51
N GLN A 247 16.51 -2.21 3.52
CA GLN A 247 16.00 -0.85 3.57
C GLN A 247 14.47 -0.84 3.70
N MET A 248 13.77 -1.69 2.93
CA MET A 248 12.31 -1.77 3.03
C MET A 248 11.88 -2.04 4.48
N GLN A 249 12.58 -2.99 5.14
CA GLN A 249 12.28 -3.38 6.52
C GLN A 249 12.59 -2.21 7.45
N ILE A 250 13.71 -1.52 7.23
CA ILE A 250 14.17 -0.51 8.16
C ILE A 250 13.26 0.72 8.09
N ILE A 251 12.90 1.13 6.87
CA ILE A 251 12.02 2.28 6.71
C ILE A 251 10.64 1.94 7.27
N THR A 252 10.15 0.73 6.98
CA THR A 252 8.82 0.30 7.39
C THR A 252 8.72 0.31 8.92
N TYR A 253 9.68 -0.28 9.62
CA TYR A 253 9.56 -0.46 11.06
C TYR A 253 10.11 0.70 11.88
N ASN A 254 11.00 1.52 11.30
CA ASN A 254 11.64 2.59 12.03
C ASN A 254 11.03 3.94 11.70
N GLU A 255 10.37 4.09 10.56
CA GLU A 255 9.82 5.40 10.19
C GLU A 255 8.31 5.35 9.91
N PHE A 256 7.85 4.46 9.02
CA PHE A 256 6.47 4.44 8.60
C PHE A 256 5.54 4.03 9.75
N LEU A 257 5.82 2.87 10.38
CA LEU A 257 4.91 2.36 11.40
C LEU A 257 4.91 3.31 12.60
N PRO A 258 6.06 3.79 13.10
CA PRO A 258 6.04 4.81 14.16
C PRO A 258 5.22 6.05 13.78
N ALA A 259 5.31 6.49 12.52
CA ALA A 259 4.52 7.64 12.10
C ALA A 259 3.02 7.34 12.15
N LEU A 260 2.60 6.25 11.51
CA LEU A 260 1.19 5.94 11.39
C LEU A 260 0.58 5.48 12.71
N LEU A 261 1.23 4.49 13.36
CA LEU A 261 0.68 3.80 14.52
C LEU A 261 1.08 4.51 15.82
N GLY A 262 2.23 5.22 15.82
CA GLY A 262 2.61 6.05 16.95
C GLY A 262 2.80 5.16 18.17
N SER A 263 2.01 5.44 19.22
CA SER A 263 2.01 4.66 20.44
C SER A 263 1.75 3.16 20.22
N ALA A 264 1.05 2.78 19.14
CA ALA A 264 0.71 1.39 18.91
C ALA A 264 1.70 0.68 17.98
N ALA A 265 2.80 1.34 17.59
CA ALA A 265 3.73 0.74 16.66
C ALA A 265 4.41 -0.47 17.29
N PRO A 266 4.63 -1.56 16.52
CA PRO A 266 5.38 -2.69 17.07
C PRO A 266 6.86 -2.35 17.18
N SER A 267 7.58 -3.09 18.02
CA SER A 267 9.02 -2.89 18.13
C SER A 267 9.70 -3.01 16.77
N PRO A 268 10.65 -2.12 16.44
CA PRO A 268 11.46 -2.27 15.23
C PRO A 268 12.54 -3.38 15.26
N MET A 269 12.75 -4.00 16.42
CA MET A 269 13.72 -5.07 16.60
C MET A 269 12.98 -6.38 16.80
N SER A 270 13.50 -7.45 16.19
CA SER A 270 12.90 -8.78 16.30
C SER A 270 13.21 -9.36 17.68
N ILE A 271 12.25 -10.10 18.24
CA ILE A 271 12.50 -10.80 19.49
C ILE A 271 13.21 -12.12 19.21
N GLY A 272 13.44 -12.47 17.93
CA GLY A 272 14.01 -13.75 17.52
C GLY A 272 13.19 -14.45 16.43
N TYR A 273 13.85 -15.34 15.67
CA TYR A 273 13.24 -16.11 14.59
C TYR A 273 12.28 -17.16 15.16
N ASP A 274 10.99 -16.99 14.87
CA ASP A 274 9.96 -17.96 15.21
C ASP A 274 9.39 -18.54 13.91
N ASP A 275 9.86 -19.75 13.56
CA ASP A 275 9.47 -20.45 12.34
C ASP A 275 8.09 -21.10 12.46
N SER A 276 7.40 -20.93 13.60
CA SER A 276 6.02 -21.41 13.73
C SER A 276 5.00 -20.40 13.19
N ILE A 277 5.45 -19.16 12.94
CA ILE A 277 4.59 -18.08 12.45
C ILE A 277 4.21 -18.30 10.99
N ASN A 278 2.90 -18.21 10.72
CA ASN A 278 2.35 -18.16 9.37
C ASN A 278 2.54 -16.76 8.80
N PRO A 279 3.40 -16.58 7.75
CA PRO A 279 3.69 -15.25 7.19
C PRO A 279 2.79 -14.85 6.03
N ASN A 280 1.94 -15.79 5.62
CA ASN A 280 0.99 -15.53 4.57
C ASN A 280 0.09 -14.38 5.03
N ILE A 281 0.02 -13.33 4.21
CA ILE A 281 -0.68 -12.13 4.63
C ILE A 281 -2.12 -12.52 4.97
N MET A 282 -2.66 -11.93 6.05
CA MET A 282 -4.01 -12.24 6.48
C MET A 282 -5.01 -11.52 5.57
N ASN A 283 -6.08 -12.24 5.23
CA ASN A 283 -7.08 -11.73 4.31
C ASN A 283 -7.64 -10.42 4.86
N GLU A 284 -7.92 -10.41 6.17
CA GLU A 284 -8.51 -9.27 6.87
C GLU A 284 -7.56 -8.06 6.95
N PHE A 285 -6.26 -8.29 6.86
CA PHE A 285 -5.29 -7.21 6.71
C PHE A 285 -5.32 -6.67 5.29
N ALA A 286 -5.06 -7.55 4.31
CA ALA A 286 -4.85 -7.14 2.93
C ALA A 286 -6.09 -6.47 2.36
N ASN A 287 -7.26 -6.93 2.79
CA ASN A 287 -8.49 -6.65 2.08
C ASN A 287 -9.47 -5.92 2.97
N ALA A 288 -9.00 -5.43 4.13
CA ALA A 288 -9.74 -4.43 4.88
C ALA A 288 -8.82 -3.54 5.70
N CYS A 289 -8.18 -4.08 6.74
CA CYS A 289 -7.61 -3.22 7.77
C CYS A 289 -6.43 -2.40 7.23
N TYR A 290 -5.66 -2.95 6.27
CA TYR A 290 -4.53 -2.21 5.75
C TYR A 290 -4.96 -1.29 4.59
N ARG A 291 -6.25 -1.37 4.18
CA ARG A 291 -6.79 -0.48 3.16
C ARG A 291 -7.13 0.89 3.76
N VAL A 292 -6.31 1.34 4.70
N VAL A 292 -6.33 1.29 4.76
CA VAL A 292 -6.54 2.62 5.35
CA VAL A 292 -6.35 2.60 5.40
C VAL A 292 -5.79 3.69 4.56
C VAL A 292 -6.01 3.67 4.38
N GLY A 293 -5.13 3.29 3.46
CA GLY A 293 -4.54 4.22 2.52
C GLY A 293 -5.56 5.13 1.84
N HIS A 294 -6.72 4.56 1.49
CA HIS A 294 -7.68 5.28 0.68
C HIS A 294 -8.24 6.49 1.43
N THR A 295 -8.30 6.42 2.78
CA THR A 295 -8.85 7.51 3.57
C THR A 295 -7.80 8.60 3.84
N MET A 296 -6.51 8.28 3.64
CA MET A 296 -5.40 9.21 3.80
C MET A 296 -5.16 10.06 2.55
N LEU A 297 -5.61 9.57 1.38
CA LEU A 297 -5.25 10.11 0.07
C LEU A 297 -5.63 11.58 -0.04
N SER A 298 -4.69 12.37 -0.55
CA SER A 298 -4.88 13.79 -0.80
C SER A 298 -5.41 13.97 -2.23
N PRO A 299 -6.22 15.03 -2.51
CA PRO A 299 -6.68 15.32 -3.88
C PRO A 299 -5.63 15.69 -4.91
N THR A 300 -4.48 16.15 -4.42
CA THR A 300 -3.40 16.63 -5.25
C THR A 300 -2.08 16.13 -4.68
N ILE A 301 -1.17 15.76 -5.59
CA ILE A 301 0.20 15.49 -5.22
C ILE A 301 0.97 16.76 -5.53
N LEU A 302 1.65 17.32 -4.52
CA LEU A 302 2.46 18.52 -4.72
C LEU A 302 3.68 18.12 -5.56
N ARG A 303 4.09 19.03 -6.45
CA ARG A 303 5.31 18.90 -7.23
C ARG A 303 6.14 20.16 -7.06
N LEU A 304 7.18 20.07 -6.22
CA LEU A 304 7.91 21.23 -5.75
C LEU A 304 9.38 21.15 -6.16
N ASP A 305 9.98 22.32 -6.35
CA ASP A 305 11.41 22.48 -6.60
C ASP A 305 12.17 22.63 -5.28
N ASN A 306 13.48 22.92 -5.34
CA ASN A 306 14.30 22.98 -4.12
C ASN A 306 13.99 24.19 -3.25
N ALA A 307 13.45 25.24 -3.87
CA ALA A 307 13.07 26.46 -3.18
C ALA A 307 11.67 26.36 -2.59
N GLY A 308 10.98 25.24 -2.83
CA GLY A 308 9.66 25.03 -2.28
C GLY A 308 8.58 25.63 -3.18
N ASN A 309 8.95 26.03 -4.39
CA ASN A 309 7.96 26.53 -5.32
C ASN A 309 7.31 25.34 -6.01
N VAL A 310 6.04 25.51 -6.40
CA VAL A 310 5.38 24.58 -7.31
C VAL A 310 6.12 24.66 -8.64
N ILE A 311 6.41 23.51 -9.26
CA ILE A 311 7.11 23.50 -10.55
C ILE A 311 6.20 24.03 -11.65
N PRO A 312 6.77 24.51 -12.79
CA PRO A 312 5.99 25.14 -13.86
C PRO A 312 4.80 24.34 -14.35
N HIS A 313 4.95 23.01 -14.48
CA HIS A 313 3.86 22.22 -15.02
C HIS A 313 2.77 21.96 -13.96
N GLY A 314 2.87 22.62 -12.77
CA GLY A 314 1.82 22.63 -11.76
C GLY A 314 1.92 21.42 -10.81
N ASN A 315 1.07 21.44 -9.79
CA ASN A 315 0.84 20.26 -8.96
C ASN A 315 0.09 19.22 -9.79
N LEU A 316 -0.05 17.99 -9.26
CA LEU A 316 -0.65 16.90 -9.99
C LEU A 316 -1.94 16.45 -9.32
N ALA A 317 -3.08 16.69 -9.96
CA ALA A 317 -4.37 16.20 -9.47
C ALA A 317 -4.33 14.68 -9.45
N LEU A 318 -4.85 14.08 -8.38
CA LEU A 318 -4.75 12.63 -8.20
C LEU A 318 -5.28 11.93 -9.45
N GLN A 319 -6.39 12.44 -10.02
CA GLN A 319 -7.00 11.79 -11.16
C GLN A 319 -6.06 11.81 -12.36
N ASP A 320 -5.29 12.89 -12.53
CA ASP A 320 -4.33 13.01 -13.60
C ASP A 320 -3.12 12.08 -13.42
N ALA A 321 -2.93 11.54 -12.20
CA ALA A 321 -1.78 10.72 -11.87
C ALA A 321 -2.01 9.25 -12.26
N PHE A 322 -3.25 8.85 -12.60
CA PHE A 322 -3.54 7.43 -12.88
C PHE A 322 -3.01 7.00 -14.27
N PHE A 323 -2.22 5.91 -14.28
CA PHE A 323 -1.81 5.16 -15.46
C PHE A 323 -1.33 6.09 -16.60
N ASN A 324 -0.37 6.97 -16.28
CA ASN A 324 0.13 7.94 -17.24
C ASN A 324 1.60 8.25 -16.98
N PRO A 325 2.54 7.47 -17.56
CA PRO A 325 3.98 7.74 -17.46
C PRO A 325 4.46 9.14 -17.82
N ASN A 326 3.72 9.85 -18.67
CA ASN A 326 4.09 11.17 -19.13
C ASN A 326 4.17 12.18 -17.98
N ARG A 327 3.42 11.94 -16.90
CA ARG A 327 3.45 12.82 -15.75
C ARG A 327 4.87 12.88 -15.19
N ILE A 328 5.53 11.72 -15.17
CA ILE A 328 6.92 11.68 -14.77
C ILE A 328 7.83 12.07 -15.94
N ILE A 329 7.66 11.45 -17.10
CA ILE A 329 8.60 11.67 -18.19
C ILE A 329 8.62 13.14 -18.59
N ASN A 330 7.46 13.78 -18.69
CA ASN A 330 7.38 15.04 -19.41
C ASN A 330 7.10 16.19 -18.46
N GLU A 331 6.91 15.92 -17.15
CA GLU A 331 6.45 16.98 -16.24
C GLU A 331 7.36 17.04 -15.00
N GLY A 332 8.67 16.83 -15.22
CA GLY A 332 9.69 17.19 -14.24
C GLY A 332 10.42 16.01 -13.62
N GLY A 333 10.08 14.77 -13.97
CA GLY A 333 10.73 13.59 -13.41
C GLY A 333 10.20 13.26 -12.01
N ILE A 334 10.99 12.52 -11.23
CA ILE A 334 10.46 11.98 -9.98
C ILE A 334 10.71 12.95 -8.82
N ALA A 335 11.75 13.78 -8.91
CA ALA A 335 12.21 14.58 -7.79
C ALA A 335 11.10 15.50 -7.27
N PRO A 336 10.32 16.22 -8.12
CA PRO A 336 9.28 17.10 -7.62
C PRO A 336 8.24 16.39 -6.76
N ILE A 337 7.92 15.14 -7.14
CA ILE A 337 6.95 14.32 -6.44
C ILE A 337 7.52 13.86 -5.10
N LEU A 338 8.77 13.41 -5.10
CA LEU A 338 9.40 12.92 -3.86
C LEU A 338 9.42 14.02 -2.80
N LYS A 339 9.81 15.22 -3.23
CA LYS A 339 9.77 16.39 -2.38
C LYS A 339 8.32 16.73 -2.01
N GLY A 340 7.45 16.76 -3.02
CA GLY A 340 6.07 17.16 -2.82
C GLY A 340 5.35 16.31 -1.77
N LEU A 341 5.59 14.99 -1.80
CA LEU A 341 4.95 14.08 -0.87
C LEU A 341 5.31 14.41 0.58
N ALA A 342 6.52 14.92 0.76
CA ALA A 342 7.04 15.26 2.09
C ALA A 342 6.50 16.63 2.57
N SER A 343 5.77 17.35 1.72
CA SER A 343 5.52 18.77 1.96
C SER A 343 4.05 19.09 2.16
N GLN A 344 3.20 18.07 2.20
CA GLN A 344 1.76 18.27 2.37
C GLN A 344 1.23 17.26 3.38
N ALA A 345 0.34 17.73 4.27
CA ALA A 345 -0.31 16.87 5.25
C ALA A 345 -1.39 16.03 4.59
N MET A 346 -1.42 14.73 4.93
CA MET A 346 -2.41 13.82 4.41
C MET A 346 -3.76 14.07 5.09
N GLN A 347 -4.79 13.50 4.46
CA GLN A 347 -6.13 13.53 5.01
C GLN A 347 -6.21 12.66 6.26
N GLU A 348 -7.21 12.92 7.11
CA GLU A 348 -7.37 12.20 8.36
C GLU A 348 -7.81 10.76 8.08
N ILE A 349 -7.44 9.85 8.98
CA ILE A 349 -7.92 8.49 8.98
C ILE A 349 -9.29 8.43 9.66
N ASP A 350 -10.29 8.06 8.85
CA ASP A 350 -11.69 8.16 9.20
C ASP A 350 -12.46 7.49 8.09
N ASN A 351 -13.80 7.56 8.14
CA ASN A 351 -14.58 6.90 7.10
C ASN A 351 -14.51 7.67 5.78
N LYS A 352 -14.13 8.95 5.84
CA LYS A 352 -14.26 9.85 4.70
C LYS A 352 -13.14 9.65 3.68
N ILE A 353 -13.52 9.50 2.41
CA ILE A 353 -12.64 9.34 1.25
C ILE A 353 -12.90 10.52 0.31
N VAL A 354 -11.85 11.14 -0.23
CA VAL A 354 -12.01 12.29 -1.10
C VAL A 354 -12.77 11.88 -2.37
N ASP A 355 -13.51 12.85 -2.91
CA ASP A 355 -14.30 12.70 -4.13
C ASP A 355 -13.46 12.24 -5.31
N ASP A 356 -12.17 12.58 -5.30
CA ASP A 356 -11.27 12.22 -6.37
C ASP A 356 -11.22 10.71 -6.56
N VAL A 357 -11.33 9.89 -5.49
CA VAL A 357 -11.35 8.45 -5.64
C VAL A 357 -12.70 7.84 -5.24
N ARG A 358 -13.58 8.58 -4.57
CA ARG A 358 -14.92 8.03 -4.27
C ARG A 358 -15.88 8.20 -5.45
N ASN A 359 -15.64 9.22 -6.27
CA ASN A 359 -16.53 9.60 -7.36
C ASN A 359 -15.68 9.92 -8.59
N PHE A 360 -14.87 8.97 -9.02
CA PHE A 360 -14.00 9.17 -10.17
C PHE A 360 -14.73 8.75 -11.44
N LEU A 361 -15.37 9.70 -12.14
CA LEU A 361 -16.18 9.39 -13.31
C LEU A 361 -15.33 9.40 -14.59
N PHE A 362 -15.67 8.50 -15.52
CA PHE A 362 -14.96 8.42 -16.79
C PHE A 362 -15.62 9.27 -17.87
N GLY A 363 -16.86 9.77 -17.66
CA GLY A 363 -17.51 10.58 -18.68
C GLY A 363 -18.83 11.18 -18.20
N GLY A 366 -23.02 8.79 -14.61
CA GLY A 366 -23.80 8.63 -15.85
C GLY A 366 -23.17 7.60 -16.79
N SER A 367 -21.90 7.85 -17.13
CA SER A 367 -21.11 7.03 -18.03
C SER A 367 -20.36 5.92 -17.28
N GLY A 368 -20.52 5.82 -15.95
CA GLY A 368 -19.75 4.88 -15.13
C GLY A 368 -18.40 5.44 -14.66
N GLY A 369 -17.74 4.73 -13.73
CA GLY A 369 -16.42 5.13 -13.24
C GLY A 369 -15.90 4.31 -12.06
N LEU A 370 -15.26 5.00 -11.09
CA LEU A 370 -14.56 4.34 -9.99
C LEU A 370 -15.01 4.90 -8.64
N ASP A 371 -15.35 4.01 -7.69
CA ASP A 371 -15.51 4.37 -6.28
C ASP A 371 -14.70 3.38 -5.44
N LEU A 372 -13.55 3.83 -4.93
CA LEU A 372 -12.63 2.96 -4.20
C LEU A 372 -13.26 2.51 -2.88
N ALA A 373 -14.14 3.33 -2.29
CA ALA A 373 -14.84 2.94 -1.07
C ALA A 373 -15.78 1.78 -1.36
N SER A 374 -16.60 1.90 -2.43
CA SER A 374 -17.50 0.83 -2.83
C SER A 374 -16.72 -0.45 -3.14
N LEU A 375 -15.60 -0.36 -3.89
CA LEU A 375 -14.83 -1.54 -4.21
C LEU A 375 -14.31 -2.23 -2.96
N ASN A 376 -13.79 -1.44 -1.99
CA ASN A 376 -13.20 -2.03 -0.80
C ASN A 376 -14.29 -2.78 -0.03
N ILE A 377 -15.47 -2.16 0.06
CA ILE A 377 -16.56 -2.76 0.82
C ILE A 377 -16.98 -4.06 0.16
N GLN A 378 -17.26 -3.99 -1.15
CA GLN A 378 -17.62 -5.20 -1.90
C GLN A 378 -16.51 -6.24 -1.85
N ARG A 379 -15.23 -5.81 -1.95
CA ARG A 379 -14.14 -6.76 -1.90
C ARG A 379 -14.13 -7.56 -0.59
N GLY A 380 -14.43 -6.90 0.53
CA GLY A 380 -14.46 -7.62 1.81
C GLY A 380 -15.62 -8.63 1.86
N ARG A 381 -16.68 -8.38 1.08
CA ARG A 381 -17.78 -9.34 1.00
C ARG A 381 -17.44 -10.49 0.04
N ASP A 382 -16.77 -10.18 -1.06
CA ASP A 382 -16.16 -11.16 -1.96
C ASP A 382 -15.27 -12.15 -1.20
N HIS A 383 -14.43 -11.62 -0.30
CA HIS A 383 -13.44 -12.42 0.39
C HIS A 383 -13.99 -13.08 1.66
N GLY A 384 -15.31 -12.98 1.91
CA GLY A 384 -15.89 -13.68 3.03
C GLY A 384 -15.32 -13.20 4.38
N LEU A 385 -15.00 -11.90 4.47
CA LEU A 385 -14.43 -11.39 5.70
C LEU A 385 -15.52 -11.32 6.77
N PRO A 386 -15.17 -11.68 8.03
CA PRO A 386 -16.07 -11.53 9.17
C PRO A 386 -16.42 -10.06 9.35
N ASP A 387 -17.57 -9.82 10.00
CA ASP A 387 -18.02 -8.46 10.30
C ASP A 387 -17.03 -7.81 11.26
N TYR A 388 -17.15 -6.48 11.40
CA TYR A 388 -16.28 -5.69 12.26
C TYR A 388 -16.17 -6.28 13.67
N ASN A 389 -17.30 -6.54 14.31
CA ASN A 389 -17.30 -6.92 15.70
C ASN A 389 -16.70 -8.31 15.92
N SER A 390 -17.01 -9.27 15.04
CA SER A 390 -16.43 -10.59 15.10
C SER A 390 -14.90 -10.50 14.97
N THR A 391 -14.44 -9.60 14.11
CA THR A 391 -13.02 -9.43 13.91
C THR A 391 -12.35 -8.94 15.19
N ARG A 392 -12.97 -7.98 15.90
CA ARG A 392 -12.52 -7.53 17.21
C ARG A 392 -12.28 -8.74 18.14
N VAL A 393 -13.25 -9.65 18.22
CA VAL A 393 -13.19 -10.82 19.07
C VAL A 393 -12.09 -11.76 18.57
N MET A 394 -12.02 -11.98 17.26
CA MET A 394 -10.95 -12.80 16.69
C MET A 394 -9.59 -12.30 17.19
N MET A 395 -9.44 -10.99 17.36
CA MET A 395 -8.16 -10.38 17.74
C MET A 395 -8.03 -10.18 19.26
N GLY A 396 -8.95 -10.75 20.06
CA GLY A 396 -8.86 -10.69 21.51
C GLY A 396 -9.27 -9.34 22.12
N LEU A 397 -10.01 -8.53 21.35
CA LEU A 397 -10.55 -7.26 21.84
C LEU A 397 -11.96 -7.52 22.34
N THR A 398 -12.48 -6.62 23.17
CA THR A 398 -13.85 -6.71 23.64
C THR A 398 -14.77 -6.49 22.43
N SER A 399 -15.92 -7.17 22.42
CA SER A 399 -16.90 -6.89 21.38
C SER A 399 -17.63 -5.61 21.79
N VAL A 400 -18.04 -4.81 20.83
CA VAL A 400 -18.78 -3.61 21.15
C VAL A 400 -20.22 -4.05 21.39
N SER A 401 -20.97 -3.28 22.17
CA SER A 401 -22.38 -3.60 22.34
C SER A 401 -23.28 -2.40 22.02
N SER A 402 -22.69 -1.33 21.48
CA SER A 402 -23.44 -0.14 21.12
C SER A 402 -22.65 0.62 20.06
N PHE A 403 -23.33 1.47 19.27
CA PHE A 403 -22.65 2.26 18.26
C PHE A 403 -21.71 3.31 18.89
N ALA A 404 -22.08 3.83 20.07
CA ALA A 404 -21.23 4.67 20.90
C ALA A 404 -19.92 4.01 21.26
N ASP A 405 -19.93 2.68 21.42
CA ASP A 405 -18.70 1.96 21.66
C ASP A 405 -17.75 2.07 20.47
N ILE A 406 -18.27 2.38 19.27
CA ILE A 406 -17.44 2.40 18.08
C ILE A 406 -16.81 3.79 17.89
N SER A 407 -17.66 4.81 17.81
CA SER A 407 -17.24 6.18 17.56
C SER A 407 -17.85 7.13 18.57
N SER A 408 -17.09 8.13 19.04
N SER A 408 -17.08 8.12 19.00
CA SER A 408 -17.61 9.21 19.86
CA SER A 408 -17.59 9.20 19.85
C SER A 408 -18.12 10.37 19.01
C SER A 408 -18.22 10.30 19.01
N ASP A 409 -18.09 10.22 17.68
CA ASP A 409 -18.66 11.23 16.80
C ASP A 409 -20.12 10.88 16.49
N PRO A 410 -21.08 11.74 16.90
CA PRO A 410 -22.50 11.43 16.74
C PRO A 410 -22.97 11.33 15.30
N ALA A 411 -22.29 12.00 14.37
CA ALA A 411 -22.60 11.85 12.97
C ALA A 411 -22.19 10.46 12.46
N VAL A 412 -21.05 9.96 12.94
CA VAL A 412 -20.57 8.64 12.53
C VAL A 412 -21.48 7.57 13.13
N GLN A 413 -21.78 7.69 14.44
CA GLN A 413 -22.77 6.84 15.08
C GLN A 413 -24.06 6.79 14.27
N ALA A 414 -24.62 7.95 13.90
CA ALA A 414 -25.89 8.00 13.21
C ALA A 414 -25.81 7.30 11.84
N ALA A 415 -24.69 7.48 11.12
CA ALA A 415 -24.56 6.89 9.81
C ALA A 415 -24.49 5.37 9.91
N LEU A 416 -23.74 4.88 10.91
CA LEU A 416 -23.59 3.45 11.10
C LEU A 416 -24.95 2.85 11.47
N MET A 417 -25.67 3.54 12.34
N MET A 417 -25.66 3.53 12.36
CA MET A 417 -26.99 3.10 12.76
CA MET A 417 -26.97 3.09 12.82
C MET A 417 -27.92 2.97 11.56
C MET A 417 -27.94 3.01 11.65
N SER A 418 -28.00 4.00 10.72
N SER A 418 -27.95 4.04 10.80
CA SER A 418 -29.00 4.00 9.67
CA SER A 418 -28.86 4.09 9.67
C SER A 418 -28.59 3.13 8.48
C SER A 418 -28.57 2.95 8.68
N LEU A 419 -27.29 2.77 8.35
CA LEU A 419 -26.87 1.82 7.33
C LEU A 419 -27.05 0.39 7.81
N TYR A 420 -26.68 0.07 9.06
CA TYR A 420 -26.54 -1.31 9.46
C TYR A 420 -27.58 -1.80 10.46
N GLY A 421 -28.08 -0.91 11.33
CA GLY A 421 -29.10 -1.31 12.29
C GLY A 421 -28.55 -2.06 13.51
N THR A 422 -27.50 -2.88 13.35
CA THR A 422 -26.88 -3.58 14.47
C THR A 422 -25.35 -3.53 14.31
N VAL A 423 -24.66 -3.43 15.46
CA VAL A 423 -23.22 -3.35 15.50
C VAL A 423 -22.62 -4.68 15.06
N ASN A 424 -23.44 -5.73 14.96
CA ASN A 424 -22.95 -7.05 14.66
C ASN A 424 -23.02 -7.38 13.17
N ASP A 425 -23.38 -6.44 12.30
CA ASP A 425 -23.34 -6.70 10.86
C ASP A 425 -22.71 -5.52 10.09
N ILE A 426 -21.65 -4.94 10.64
CA ILE A 426 -20.94 -3.84 9.98
C ILE A 426 -19.77 -4.41 9.16
N ASP A 427 -19.59 -3.85 7.96
CA ASP A 427 -18.45 -4.21 7.11
C ASP A 427 -17.17 -3.88 7.88
N LEU A 428 -16.23 -4.84 7.89
CA LEU A 428 -15.00 -4.70 8.65
C LEU A 428 -14.30 -3.38 8.34
N TRP A 429 -14.17 -3.04 7.05
CA TRP A 429 -13.41 -1.85 6.67
C TRP A 429 -14.07 -0.59 7.24
N VAL A 430 -15.41 -0.57 7.21
CA VAL A 430 -16.15 0.61 7.65
C VAL A 430 -16.04 0.77 9.17
N GLY A 431 -16.22 -0.33 9.91
CA GLY A 431 -16.09 -0.30 11.35
C GLY A 431 -14.70 0.11 11.81
N ALA A 432 -13.70 -0.50 11.17
CA ALA A 432 -12.30 -0.29 11.48
C ALA A 432 -11.97 1.20 11.38
N LEU A 433 -12.44 1.82 10.30
CA LEU A 433 -12.17 3.23 10.06
C LEU A 433 -13.04 4.15 10.90
N ALA A 434 -14.14 3.65 11.47
CA ALA A 434 -15.02 4.47 12.27
C ALA A 434 -14.48 4.63 13.69
N GLU A 435 -13.59 3.76 14.14
CA GLU A 435 -13.15 3.80 15.52
C GLU A 435 -12.43 5.10 15.91
N ASP A 436 -12.63 5.52 17.16
CA ASP A 436 -11.86 6.62 17.71
C ASP A 436 -10.40 6.20 17.68
N HIS A 437 -9.50 7.14 17.43
CA HIS A 437 -8.08 6.78 17.38
C HIS A 437 -7.54 6.52 18.77
N LEU A 438 -6.59 5.58 18.89
CA LEU A 438 -5.86 5.42 20.14
C LEU A 438 -5.10 6.72 20.45
N ALA A 439 -4.98 7.05 21.76
CA ALA A 439 -4.14 8.16 22.16
C ALA A 439 -2.72 7.96 21.60
N GLY A 440 -2.20 8.98 20.91
CA GLY A 440 -0.86 8.96 20.37
C GLY A 440 -0.77 8.19 19.05
N SER A 441 -1.91 7.90 18.42
CA SER A 441 -1.95 7.14 17.17
C SER A 441 -2.91 7.82 16.19
N SER A 442 -2.78 7.52 14.90
CA SER A 442 -3.71 7.93 13.87
C SER A 442 -4.72 6.83 13.49
N VAL A 443 -4.76 5.72 14.25
CA VAL A 443 -5.68 4.63 14.00
C VAL A 443 -6.36 4.22 15.30
N GLY A 444 -7.48 3.52 15.12
CA GLY A 444 -8.23 2.92 16.20
C GLY A 444 -7.63 1.60 16.65
N GLU A 445 -8.22 1.05 17.71
CA GLU A 445 -7.77 -0.15 18.37
C GLU A 445 -7.73 -1.34 17.41
N LEU A 446 -8.76 -1.52 16.57
CA LEU A 446 -8.81 -2.71 15.72
C LEU A 446 -7.70 -2.66 14.67
N ILE A 447 -7.61 -1.51 13.99
CA ILE A 447 -6.56 -1.34 12.99
C ILE A 447 -5.18 -1.52 13.61
N ALA A 448 -4.94 -0.91 14.79
CA ALA A 448 -3.69 -1.09 15.52
C ALA A 448 -3.41 -2.58 15.76
N ALA A 449 -4.39 -3.33 16.20
CA ALA A 449 -4.17 -4.73 16.54
C ALA A 449 -3.88 -5.58 15.31
N VAL A 450 -4.61 -5.33 14.22
CA VAL A 450 -4.47 -6.15 13.03
C VAL A 450 -3.13 -5.82 12.36
N LEU A 451 -2.84 -4.52 12.18
CA LEU A 451 -1.55 -4.12 11.62
C LEU A 451 -0.41 -4.59 12.53
N GLY A 452 -0.56 -4.43 13.85
CA GLY A 452 0.44 -4.83 14.82
C GLY A 452 0.77 -6.32 14.66
N GLU A 453 -0.28 -7.13 14.59
CA GLU A 453 -0.16 -8.57 14.41
C GLU A 453 0.56 -8.91 13.09
N GLN A 454 0.11 -8.35 11.98
CA GLN A 454 0.69 -8.69 10.69
C GLN A 454 2.18 -8.34 10.68
N PHE A 455 2.54 -7.15 11.18
CA PHE A 455 3.90 -6.65 11.10
C PHE A 455 4.77 -7.38 12.13
N THR A 456 4.20 -7.80 13.26
CA THR A 456 4.95 -8.66 14.17
C THR A 456 5.29 -10.00 13.50
N ARG A 457 4.33 -10.60 12.79
CA ARG A 457 4.58 -11.87 12.10
C ARG A 457 5.72 -11.75 11.07
N LEU A 458 5.70 -10.68 10.29
CA LEU A 458 6.63 -10.52 9.17
C LEU A 458 8.03 -10.17 9.69
N ARG A 459 8.08 -9.69 10.92
CA ARG A 459 9.34 -9.40 11.57
C ARG A 459 9.98 -10.66 12.13
N ASP A 460 9.20 -11.39 12.93
CA ASP A 460 9.73 -12.54 13.66
C ASP A 460 9.65 -13.82 12.83
N GLY A 461 8.85 -13.86 11.75
CA GLY A 461 8.59 -15.06 10.99
C GLY A 461 9.50 -15.24 9.78
N ASP A 462 10.33 -14.22 9.47
CA ASP A 462 11.11 -14.18 8.24
C ASP A 462 12.55 -14.56 8.56
N ARG A 463 13.07 -15.65 7.99
CA ARG A 463 14.44 -16.05 8.25
C ARG A 463 15.44 -15.00 7.75
N TYR A 464 15.03 -14.12 6.81
CA TYR A 464 15.92 -13.09 6.27
C TYR A 464 15.59 -11.69 6.79
N TRP A 465 14.81 -11.60 7.89
CA TRP A 465 14.79 -10.39 8.68
C TRP A 465 16.23 -9.88 8.78
N TYR A 466 16.43 -8.61 8.43
CA TYR A 466 17.77 -8.13 8.14
C TYR A 466 18.73 -8.30 9.33
N GLU A 467 18.24 -8.25 10.59
CA GLU A 467 19.12 -8.33 11.74
C GLU A 467 19.78 -9.71 11.85
N ARG A 468 19.21 -10.73 11.21
CA ARG A 468 19.73 -12.08 11.37
C ARG A 468 20.22 -12.68 10.06
N ASP A 469 20.26 -11.88 8.99
CA ASP A 469 20.85 -12.31 7.74
C ASP A 469 22.37 -12.39 7.92
N ASP A 470 22.96 -13.56 7.62
CA ASP A 470 24.38 -13.80 7.83
C ASP A 470 25.23 -12.75 7.14
N PHE A 471 24.77 -12.27 5.97
CA PHE A 471 25.50 -11.24 5.26
C PHE A 471 25.71 -10.01 6.14
N PHE A 472 24.66 -9.54 6.83
CA PHE A 472 24.79 -8.32 7.64
C PHE A 472 25.43 -8.64 8.98
N VAL A 473 25.18 -9.84 9.51
CA VAL A 473 25.84 -10.31 10.71
C VAL A 473 27.37 -10.32 10.47
N ASN A 474 27.80 -10.77 9.28
CA ASN A 474 29.22 -10.89 8.97
C ASN A 474 29.85 -9.58 8.49
N ASN A 475 29.01 -8.56 8.22
CA ASN A 475 29.46 -7.25 7.79
C ASN A 475 28.85 -6.20 8.70
N PRO A 476 29.22 -6.15 9.98
CA PRO A 476 28.54 -5.26 10.92
C PRO A 476 28.52 -3.77 10.60
N SER A 477 29.51 -3.29 9.84
N SER A 477 29.48 -3.28 9.82
CA SER A 477 29.58 -1.90 9.43
CA SER A 477 29.52 -1.87 9.46
C SER A 477 28.42 -1.55 8.50
C SER A 477 28.41 -1.53 8.47
N LEU A 478 28.16 -2.44 7.54
CA LEU A 478 27.02 -2.33 6.65
C LEU A 478 25.70 -2.38 7.42
N LEU A 479 25.56 -3.34 8.36
CA LEU A 479 24.36 -3.44 9.18
C LEU A 479 24.11 -2.10 9.88
N ALA A 480 25.17 -1.50 10.42
CA ALA A 480 25.07 -0.25 11.13
C ALA A 480 24.67 0.91 10.21
N GLU A 481 25.26 0.97 9.01
CA GLU A 481 24.93 1.99 8.04
C GLU A 481 23.48 1.83 7.57
N LEU A 482 23.02 0.59 7.34
CA LEU A 482 21.62 0.33 7.05
C LEU A 482 20.73 0.86 8.18
N GLN A 483 21.09 0.59 9.45
CA GLN A 483 20.23 0.97 10.55
C GLN A 483 20.13 2.49 10.66
N ALA A 484 21.12 3.19 10.16
CA ALA A 484 21.08 4.64 10.24
C ALA A 484 20.51 5.26 8.96
N THR A 485 19.98 4.44 8.06
CA THR A 485 19.48 4.90 6.77
C THR A 485 18.01 5.27 6.89
N ARG A 486 17.67 6.49 6.48
CA ARG A 486 16.28 6.91 6.43
C ARG A 486 15.90 7.14 4.98
N LEU A 487 14.56 7.20 4.76
CA LEU A 487 14.02 7.44 3.43
C LEU A 487 14.59 8.74 2.86
N SER A 488 14.75 9.78 3.70
CA SER A 488 15.29 11.04 3.22
C SER A 488 16.70 10.87 2.63
N ASP A 489 17.54 10.01 3.21
CA ASP A 489 18.88 9.76 2.72
C ASP A 489 18.81 9.15 1.32
N ILE A 490 17.91 8.19 1.12
CA ILE A 490 17.77 7.55 -0.19
C ILE A 490 17.25 8.56 -1.22
N ILE A 491 16.26 9.36 -0.84
CA ILE A 491 15.74 10.39 -1.71
C ILE A 491 16.92 11.29 -2.14
N ARG A 492 17.72 11.77 -1.18
CA ARG A 492 18.70 12.81 -1.46
C ARG A 492 19.75 12.30 -2.44
N ARG A 493 20.23 11.06 -2.21
CA ARG A 493 21.38 10.56 -2.94
C ARG A 493 21.03 9.98 -4.30
N ASN A 494 19.74 9.91 -4.61
CA ASN A 494 19.27 9.44 -5.89
C ASN A 494 18.46 10.50 -6.62
N SER A 495 18.54 11.76 -6.20
CA SER A 495 17.81 12.84 -6.86
C SER A 495 18.62 14.13 -6.73
N ASP A 496 18.03 15.24 -7.18
CA ASP A 496 18.62 16.56 -7.04
C ASP A 496 17.97 17.37 -5.92
N ILE A 497 17.29 16.67 -4.99
CA ILE A 497 16.59 17.35 -3.92
C ILE A 497 17.60 17.76 -2.85
N THR A 498 17.57 19.04 -2.45
CA THR A 498 18.54 19.55 -1.49
C THR A 498 17.89 19.89 -0.16
N ASN A 499 16.67 20.43 -0.17
CA ASN A 499 16.06 20.89 1.07
C ASN A 499 14.88 19.95 1.31
N ILE A 500 15.08 18.95 2.15
CA ILE A 500 13.98 18.10 2.57
C ILE A 500 14.25 17.74 4.02
N GLN A 501 13.18 17.57 4.81
CA GLN A 501 13.34 17.23 6.22
C GLN A 501 13.87 15.80 6.34
N ASP A 502 14.50 15.49 7.48
CA ASP A 502 15.11 14.19 7.68
C ASP A 502 14.08 13.07 7.84
N ASN A 503 12.93 13.39 8.41
CA ASN A 503 11.82 12.44 8.52
C ASN A 503 10.72 12.90 7.55
N VAL A 504 10.65 12.26 6.37
CA VAL A 504 9.76 12.73 5.33
C VAL A 504 8.31 12.37 5.64
N PHE A 505 8.09 11.58 6.71
CA PHE A 505 6.76 11.14 7.12
C PHE A 505 5.98 12.18 7.93
N LEU A 506 6.68 13.21 8.37
CA LEU A 506 6.12 14.32 9.13
C LEU A 506 6.25 15.59 8.32
N ILE A 507 5.22 16.43 8.31
CA ILE A 507 5.33 17.66 7.55
C ILE A 507 6.39 18.58 8.15
N PRO A 508 7.00 19.48 7.37
CA PRO A 508 8.02 20.37 7.92
C PRO A 508 7.35 21.45 8.77
N GLU A 509 8.16 22.21 9.52
CA GLU A 509 7.69 23.38 10.24
C GLU A 509 6.91 24.29 9.28
N PRO A 510 5.82 24.94 9.72
CA PRO A 510 4.97 25.73 8.82
C PRO A 510 5.70 26.80 8.00
N ALA A 511 6.77 27.37 8.57
CA ALA A 511 7.48 28.48 7.98
C ALA A 511 8.53 28.05 6.97
N THR A 512 8.78 26.74 6.83
CA THR A 512 9.94 26.24 6.10
C THR A 512 9.88 26.68 4.65
N LEU A 513 8.76 26.43 3.96
CA LEU A 513 8.68 26.69 2.52
C LEU A 513 8.79 28.19 2.25
N GLY A 514 8.09 28.97 3.08
CA GLY A 514 8.08 30.41 2.92
C GLY A 514 9.49 30.98 3.03
N LEU A 515 10.24 30.53 4.03
CA LEU A 515 11.56 31.07 4.27
C LEU A 515 12.53 30.60 3.18
N LEU A 516 12.41 29.34 2.73
CA LEU A 516 13.27 28.84 1.66
C LEU A 516 12.94 29.53 0.34
N MET A 517 11.67 29.90 0.16
CA MET A 517 11.23 30.57 -1.05
C MET A 517 11.74 32.00 -1.12
N PHE A 518 12.12 32.60 0.02
CA PHE A 518 12.43 34.02 0.08
C PHE A 518 13.57 34.37 -0.87
N GLY A 519 13.29 35.32 -1.78
CA GLY A 519 14.26 35.76 -2.78
C GLY A 519 14.07 35.06 -4.12
N ALA A 520 13.27 33.97 -4.12
CA ALA A 520 13.09 33.09 -5.27
C ALA A 520 11.64 32.62 -5.43
N ALA A 521 10.68 33.35 -4.81
CA ALA A 521 9.31 32.91 -4.71
C ALA A 521 8.57 33.09 -6.04
N PHE A 522 7.93 32.01 -6.51
CA PHE A 522 7.01 32.08 -7.63
C PHE A 522 5.61 31.96 -7.07
N LEU A 523 4.78 33.00 -7.25
CA LEU A 523 3.56 33.17 -6.46
C LEU A 523 2.31 33.18 -7.34
N ARG A 524 2.41 32.59 -8.54
CA ARG A 524 1.27 32.56 -9.45
C ARG A 524 0.74 31.14 -9.66
N LYS A 525 1.55 30.13 -9.30
CA LYS A 525 1.25 28.73 -9.55
C LYS A 525 -0.21 28.53 -10.02
CHA HEM B . -6.18 -2.33 -3.34
CHB HEM B . -6.03 1.89 -5.61
CHC HEM B . -3.46 3.75 -1.93
CHD HEM B . -3.59 -0.55 0.36
C1A HEM B . -6.39 -1.31 -4.24
C2A HEM B . -7.29 -1.43 -5.34
C3A HEM B . -7.26 -0.23 -6.00
C4A HEM B . -6.33 0.59 -5.29
CMA HEM B . -8.06 0.11 -7.25
CAA HEM B . -8.17 -2.63 -5.73
CBA HEM B . -9.62 -2.29 -5.26
CGA HEM B . -10.46 -3.50 -5.41
O1A HEM B . -10.64 -4.26 -4.43
O2A HEM B . -10.96 -3.76 -6.53
C1B HEM B . -5.27 2.73 -4.80
C2B HEM B . -4.85 4.01 -5.22
C3B HEM B . -4.13 4.58 -4.22
C4B HEM B . -4.12 3.56 -3.14
CMB HEM B . -5.16 4.63 -6.51
CAB HEM B . -3.49 5.90 -4.15
CBB HEM B . -3.57 6.86 -5.06
C1C HEM B . -3.28 2.74 -0.98
C2C HEM B . -2.58 2.89 0.24
C3C HEM B . -2.59 1.63 0.90
C4C HEM B . -3.33 0.77 0.05
CMC HEM B . -1.97 4.21 0.65
CAC HEM B . -2.09 1.18 2.22
CBC HEM B . -1.58 2.03 3.08
C1D HEM B . -4.33 -1.37 -0.52
C2D HEM B . -4.43 -2.82 -0.29
C3D HEM B . -5.16 -3.30 -1.29
C4D HEM B . -5.46 -2.15 -2.16
CMD HEM B . -3.90 -3.60 0.89
CAD HEM B . -5.46 -4.73 -1.56
CBD HEM B . -4.16 -5.19 -2.36
CGD HEM B . -4.20 -6.66 -2.83
O1D HEM B . -4.61 -7.04 -3.99
O2D HEM B . -3.79 -7.50 -1.96
NA HEM B . -5.83 -0.05 -4.19
NB HEM B . -4.82 2.49 -3.56
NC HEM B . -3.71 1.46 -1.09
ND HEM B . -4.97 -1.00 -1.65
FE HEM B . -5.09 0.71 -2.48
C1 GOL C . 24.68 0.81 2.20
O1 GOL C . 25.91 1.38 1.79
C2 GOL C . 23.81 1.84 2.89
O2 GOL C . 23.79 3.06 2.15
C3 GOL C . 22.41 1.33 3.14
O3 GOL C . 21.43 2.37 3.04
CA CA D . -10.16 10.45 5.32
CA CA E . 7.21 -9.31 -0.96
MG MG F . 22.98 -14.09 -15.17
#